data_3DHS
#
_entry.id   3DHS
#
_cell.length_a   147.350
_cell.length_b   160.010
_cell.length_c   133.450
_cell.angle_alpha   90.000
_cell.angle_beta   90.000
_cell.angle_gamma   90.000
#
_symmetry.space_group_name_H-M   'C 2 2 2'
#
loop_
_entity.id
_entity.type
_entity.pdbx_description
1 polymer 'RNase P RNA'
2 non-polymer 'OSMIUM ION'
#
_entity_poly.entity_id   1
_entity_poly.type   'polyribonucleotide'
_entity_poly.pdbx_seq_one_letter_code
;GUUAAUCAUGCUCGGGUAAUCGCUGCGGCCGGUUUCGGCCGUAGAGGAAAGUCCAUGCUCGCACGGUGCUGAGAUGCCCG
UAGUGUUCGUGGAAACACGAGCGAGAAACCCAAAUGAUGGUAGGGGCACCUUCCCGAAGGAAAUGAACGGAGGGAAGGAC
AGGCGGCGCAUGCAGCCUGUAGAUAGAUGAUUACCGCCGGAGUACGAGGCGCAAAGCCGCUUGCAGUACGAAGGUACAGA
ACAUGGCUUAUAGAGCAUGAUUAACGUC
;
_entity_poly.pdbx_strand_id   A
#
loop_
_chem_comp.id
_chem_comp.type
_chem_comp.name
_chem_comp.formula
A RNA linking ADENOSINE-5'-MONOPHOSPHATE 'C10 H14 N5 O7 P'
C RNA linking CYTIDINE-5'-MONOPHOSPHATE 'C9 H14 N3 O8 P'
G RNA linking GUANOSINE-5'-MONOPHOSPHATE 'C10 H14 N5 O8 P'
OS non-polymer 'OSMIUM ION' 'Os 3'
U RNA linking URIDINE-5'-MONOPHOSPHATE 'C9 H13 N2 O9 P'
#
# COMPACT_ATOMS: atom_id res chain seq x y z
OS OS B . 7.33 16.77 -1.94
OS OS C . -9.11 -5.81 11.72
OS OS D . -1.86 -0.55 15.66
OS OS E . -2.04 18.51 34.41
OS OS F . -10.83 3.60 -11.86
OS OS G . 12.14 -13.07 0.31
OS OS H . -14.30 11.67 -6.15
OS OS I . 20.95 -9.24 20.87
OS OS J . -11.17 -11.20 4.19
OS OS K . 10.17 24.20 37.99
OS OS L . -14.62 -20.62 -0.01
OS OS M . 11.71 3.53 -40.24
OS OS N . -6.94 -2.62 24.50
OS OS O . -6.52 -4.12 -49.06
OS OS P . 15.09 -11.04 -40.41
#